data_3CB6
#
_entry.id   3CB6
#
_cell.length_a   62.980
_cell.length_b   193.670
_cell.length_c   89.480
_cell.angle_alpha   90.00
_cell.angle_beta   90.00
_cell.angle_gamma   90.00
#
_symmetry.space_group_name_H-M   'C 2 2 21'
#
loop_
_entity.id
_entity.type
_entity.pdbx_description
1 polymer 'FACT complex subunit spt16'
2 water water
#
_entity_poly.entity_id   1
_entity_poly.type   'polypeptide(L)'
_entity_poly.pdbx_seq_one_letter_code
;GAMAEYEIDEITFHKRLGILLTSWKNEEDGKTLFQDCDSILVTVGAHDDTNPYQKSTALHTWLLGYEFPSTLILLEKHRI
TILTSVNKANMLTKLAETKGAAADVNILKRTKDAEENKKLFEKIIEYIRATNKKVGVFPKDKTQGKFINEWDSIFEPVKS
EFNLVDASLGLAKCLAIKDEQELANIKGASRVSVAVMSKYFVDELSTYIDQGKKITHSKFSDQMESLIDNEAFFQTKSLK
LGDIDLDQLEWCYTPIIQSGGSYDLKPSAITDDRNLHGDVVLCSLGFRYKSYCSNVGRTYLFDPDSEQQKNYSFLVALQK
KLFEYCRDGAVIGDIYTKILGLIRAKRPDLEPNFVRNLGAGIGIEFRESSLLVNAKNPRVLQAGMTLNLSIGFGNLINPH
PKNSQSKEYALLLIDTIQITRSDPIVFTDSPKAQGDISYFFGED
;
_entity_poly.pdbx_strand_id   A
#
# COMPACT_ATOMS: atom_id res chain seq x y z
N GLY A 1 -5.42 -21.00 15.96
CA GLY A 1 -6.35 -22.03 15.44
C GLY A 1 -5.65 -23.07 14.57
N ALA A 2 -6.35 -23.45 13.50
CA ALA A 2 -5.90 -24.51 12.59
C ALA A 2 -4.53 -24.22 11.98
N MET A 3 -3.87 -25.28 11.55
CA MET A 3 -2.60 -25.16 10.82
C MET A 3 -2.85 -24.49 9.44
N ALA A 4 -2.13 -23.41 9.19
CA ALA A 4 -2.19 -22.70 7.90
C ALA A 4 -1.22 -23.34 6.90
N GLU A 5 -1.40 -22.94 5.64
CA GLU A 5 -0.59 -23.43 4.53
C GLU A 5 0.36 -22.31 4.13
N TYR A 6 1.59 -22.43 4.57
CA TYR A 6 2.62 -21.44 4.28
C TYR A 6 3.51 -21.90 3.14
N GLU A 7 3.51 -21.12 2.08
CA GLU A 7 4.36 -21.40 0.92
C GLU A 7 5.53 -20.42 0.95
N ILE A 8 6.66 -20.89 1.45
CA ILE A 8 7.88 -20.10 1.50
C ILE A 8 8.82 -20.59 0.41
N ASP A 9 8.88 -19.82 -0.67
CA ASP A 9 9.63 -20.20 -1.88
C ASP A 9 11.13 -19.84 -1.77
N GLU A 10 11.97 -20.88 -1.76
CA GLU A 10 13.44 -20.72 -1.53
C GLU A 10 14.11 -19.84 -2.57
N ILE A 11 13.68 -20.04 -3.79
CA ILE A 11 14.26 -19.37 -4.94
C ILE A 11 13.97 -17.87 -4.85
N THR A 12 12.70 -17.55 -4.57
CA THR A 12 12.27 -16.14 -4.42
C THR A 12 12.99 -15.48 -3.27
N PHE A 13 13.13 -16.22 -2.18
CA PHE A 13 13.82 -15.71 -1.01
C PHE A 13 15.24 -15.25 -1.39
N HIS A 14 15.96 -16.12 -2.05
CA HIS A 14 17.37 -15.83 -2.40
C HIS A 14 17.50 -14.82 -3.54
N LYS A 15 16.52 -14.80 -4.42
CA LYS A 15 16.53 -13.86 -5.55
C LYS A 15 16.42 -12.45 -5.00
N ARG A 16 15.49 -12.30 -4.06
CA ARG A 16 15.13 -10.98 -3.50
C ARG A 16 16.20 -10.51 -2.53
N LEU A 17 16.68 -11.45 -1.72
CA LEU A 17 17.80 -11.15 -0.85
C LEU A 17 18.97 -10.64 -1.67
N GLY A 18 19.21 -11.29 -2.81
CA GLY A 18 20.32 -10.92 -3.66
C GLY A 18 20.17 -9.51 -4.23
N ILE A 19 18.93 -9.18 -4.53
CA ILE A 19 18.62 -7.83 -5.02
C ILE A 19 18.99 -6.77 -3.97
N LEU A 20 18.58 -7.05 -2.74
CA LEU A 20 18.85 -6.14 -1.61
C LEU A 20 20.36 -5.98 -1.42
N LEU A 21 21.05 -7.10 -1.36
CA LEU A 21 22.52 -7.09 -1.12
C LEU A 21 23.29 -6.39 -2.26
N THR A 22 22.78 -6.55 -3.48
CA THR A 22 23.44 -5.99 -4.67
C THR A 22 23.37 -4.47 -4.60
N SER A 23 22.22 -3.98 -4.18
CA SER A 23 22.01 -2.53 -4.02
C SER A 23 22.90 -2.03 -2.89
N TRP A 24 22.94 -2.82 -1.84
CA TRP A 24 23.70 -2.45 -0.62
C TRP A 24 25.20 -2.35 -0.95
N LYS A 25 25.63 -3.21 -1.85
CA LYS A 25 27.08 -3.28 -2.20
C LYS A 25 27.48 -2.21 -3.19
N ASN A 26 26.49 -1.68 -3.87
CA ASN A 26 26.71 -0.56 -4.78
C ASN A 26 27.28 0.62 -4.01
N GLU A 27 28.40 1.15 -4.50
CA GLU A 27 29.11 2.25 -3.84
C GLU A 27 28.13 3.40 -3.55
N GLU A 28 27.35 3.75 -4.55
CA GLU A 28 26.43 4.91 -4.44
C GLU A 28 25.30 4.63 -3.47
N ASP A 29 24.55 3.58 -3.77
CA ASP A 29 23.40 3.19 -2.97
C ASP A 29 23.80 2.97 -1.52
N GLY A 30 24.85 2.18 -1.36
CA GLY A 30 25.43 1.87 -0.05
C GLY A 30 25.62 3.10 0.81
N LYS A 31 26.00 4.20 0.16
CA LYS A 31 26.29 5.44 0.85
C LYS A 31 25.02 6.26 1.11
N THR A 32 24.20 6.39 0.08
CA THR A 32 23.05 7.31 0.10
CA THR A 32 23.06 7.31 0.11
C THR A 32 21.77 6.69 0.66
N LEU A 33 21.50 5.45 0.26
CA LEU A 33 20.25 4.80 0.63
C LEU A 33 20.40 4.03 1.94
N PHE A 34 21.57 3.43 2.11
CA PHE A 34 21.88 2.61 3.28
C PHE A 34 22.74 3.33 4.30
N GLN A 35 23.21 4.50 3.90
CA GLN A 35 23.91 5.41 4.83
C GLN A 35 25.10 4.78 5.52
N ASP A 36 25.82 3.99 4.74
CA ASP A 36 27.11 3.39 5.13
C ASP A 36 27.07 2.37 6.25
N CYS A 37 25.90 1.77 6.47
CA CYS A 37 25.77 0.76 7.52
C CYS A 37 26.43 -0.56 7.08
N ASP A 38 26.91 -1.28 8.09
CA ASP A 38 27.53 -2.60 7.89
C ASP A 38 26.55 -3.72 8.20
N SER A 39 25.49 -3.35 8.91
CA SER A 39 24.42 -4.27 9.25
C SER A 39 23.07 -3.58 9.21
N ILE A 40 22.02 -4.38 9.05
CA ILE A 40 20.65 -3.88 9.14
C ILE A 40 19.90 -4.73 10.16
N LEU A 41 19.36 -4.05 11.15
CA LEU A 41 18.64 -4.66 12.27
C LEU A 41 17.14 -4.38 12.13
N VAL A 42 16.40 -5.46 12.02
CA VAL A 42 14.95 -5.40 11.86
C VAL A 42 14.26 -6.28 12.90
N THR A 43 13.35 -5.68 13.64
CA THR A 43 12.58 -6.42 14.62
C THR A 43 11.09 -6.35 14.34
N VAL A 44 10.43 -7.45 14.67
CA VAL A 44 8.98 -7.52 14.71
C VAL A 44 8.55 -8.12 16.04
N GLY A 45 7.66 -7.40 16.73
CA GLY A 45 7.13 -7.84 18.02
C GLY A 45 5.82 -8.60 17.84
N ALA A 46 4.84 -8.27 18.67
CA ALA A 46 3.52 -8.89 18.63
C ALA A 46 2.83 -8.50 17.34
N HIS A 47 2.16 -9.46 16.72
CA HIS A 47 1.36 -9.17 15.53
C HIS A 47 0.26 -8.16 15.86
N ASP A 48 0.04 -7.24 14.93
CA ASP A 48 -1.01 -6.22 15.05
C ASP A 48 -1.77 -6.09 13.73
N ASP A 49 -2.99 -6.60 13.75
CA ASP A 49 -3.89 -6.56 12.57
C ASP A 49 -4.14 -5.15 12.01
N THR A 50 -4.02 -4.16 12.89
CA THR A 50 -4.40 -2.80 12.52
C THR A 50 -3.19 -1.99 12.05
N ASN A 51 -2.05 -2.65 11.96
CA ASN A 51 -0.77 -2.01 11.57
C ASN A 51 0.04 -2.90 10.62
N PRO A 52 -0.48 -3.10 9.39
CA PRO A 52 0.08 -4.11 8.50
C PRO A 52 1.16 -3.63 7.56
N TYR A 53 1.37 -2.31 7.52
CA TYR A 53 2.13 -1.72 6.40
C TYR A 53 3.54 -1.18 6.70
N GLN A 54 4.12 -1.58 7.82
CA GLN A 54 5.47 -1.10 8.21
C GLN A 54 6.55 -1.76 7.37
N LYS A 55 7.67 -1.08 7.22
CA LYS A 55 8.81 -1.61 6.47
C LYS A 55 9.33 -2.94 7.02
N SER A 56 9.28 -3.10 8.33
CA SER A 56 9.84 -4.33 8.95
C SER A 56 9.02 -5.53 8.48
N THR A 57 7.71 -5.38 8.63
CA THR A 57 6.74 -6.37 8.15
C THR A 57 6.90 -6.62 6.65
N ALA A 58 7.08 -5.54 5.90
CA ALA A 58 7.19 -5.64 4.43
C ALA A 58 8.42 -6.46 4.05
N LEU A 59 9.49 -6.31 4.82
CA LEU A 59 10.73 -7.05 4.57
C LEU A 59 10.46 -8.54 4.71
N HIS A 60 9.78 -8.93 5.78
CA HIS A 60 9.43 -10.33 6.00
C HIS A 60 8.61 -10.87 4.83
N THR A 61 7.58 -10.10 4.48
CA THR A 61 6.60 -10.48 3.46
C THR A 61 7.28 -10.64 2.11
N TRP A 62 8.20 -9.73 1.83
CA TRP A 62 8.92 -9.72 0.56
C TRP A 62 9.85 -10.94 0.46
N LEU A 63 10.59 -11.19 1.54
CA LEU A 63 11.61 -12.26 1.54
C LEU A 63 10.99 -13.63 1.76
N LEU A 64 10.07 -13.70 2.73
CA LEU A 64 9.58 -15.00 3.24
C LEU A 64 8.17 -15.36 2.81
N GLY A 65 7.38 -14.33 2.52
CA GLY A 65 5.99 -14.48 2.08
C GLY A 65 4.99 -14.11 3.15
N TYR A 66 5.49 -13.96 4.37
CA TYR A 66 4.66 -13.80 5.57
C TYR A 66 5.45 -13.07 6.63
N GLU A 67 4.73 -12.28 7.41
CA GLU A 67 5.26 -11.72 8.68
C GLU A 67 5.55 -12.85 9.66
N PHE A 68 6.73 -12.75 10.28
CA PHE A 68 7.16 -13.59 11.40
C PHE A 68 7.18 -12.77 12.70
N PRO A 69 6.10 -12.85 13.49
CA PRO A 69 6.06 -12.15 14.79
C PRO A 69 7.13 -12.63 15.73
N SER A 70 7.49 -11.75 16.63
CA SER A 70 8.50 -12.04 17.65
C SER A 70 9.73 -12.65 17.03
N THR A 71 10.28 -11.92 16.05
CA THR A 71 11.51 -12.32 15.43
C THR A 71 12.43 -11.16 15.04
N LEU A 72 13.71 -11.43 15.14
CA LEU A 72 14.74 -10.44 14.90
C LEU A 72 15.55 -10.89 13.71
N ILE A 73 15.82 -9.95 12.82
CA ILE A 73 16.68 -10.22 11.69
C ILE A 73 17.86 -9.25 11.67
N LEU A 74 19.06 -9.81 11.48
CA LEU A 74 20.28 -9.02 11.26
C LEU A 74 20.86 -9.34 9.91
N LEU A 75 20.73 -8.38 9.01
CA LEU A 75 21.33 -8.46 7.70
C LEU A 75 22.76 -7.98 7.77
N GLU A 76 23.64 -8.75 7.14
CA GLU A 76 25.03 -8.37 6.83
C GLU A 76 25.31 -8.65 5.36
N LYS A 77 26.45 -8.18 4.84
CA LYS A 77 26.63 -8.12 3.37
C LYS A 77 26.59 -9.44 2.59
N HIS A 78 26.88 -10.54 3.24
CA HIS A 78 26.55 -11.87 2.65
C HIS A 78 26.01 -12.86 3.69
N ARG A 79 25.28 -12.33 4.67
CA ARG A 79 24.60 -13.16 5.68
C ARG A 79 23.28 -12.60 6.13
N ILE A 80 22.34 -13.52 6.29
CA ILE A 80 21.11 -13.19 7.02
C ILE A 80 20.96 -14.07 8.28
N THR A 81 20.91 -13.40 9.43
CA THR A 81 20.60 -14.07 10.69
C THR A 81 19.12 -13.84 11.01
N ILE A 82 18.43 -14.95 11.24
CA ILE A 82 17.02 -14.93 11.66
C ILE A 82 16.92 -15.60 13.04
N LEU A 83 16.54 -14.78 14.01
CA LEU A 83 16.37 -15.18 15.42
C LEU A 83 14.87 -15.24 15.74
N THR A 84 14.38 -16.47 15.92
CA THR A 84 12.92 -16.70 16.04
C THR A 84 12.68 -17.96 16.86
N SER A 85 11.44 -18.19 17.23
CA SER A 85 11.07 -19.40 17.95
C SER A 85 11.44 -20.63 17.16
N VAL A 86 11.92 -21.64 17.87
CA VAL A 86 12.21 -22.94 17.25
C VAL A 86 11.02 -23.43 16.43
N ASN A 87 9.82 -23.12 16.91
CA ASN A 87 8.58 -23.57 16.23
C ASN A 87 8.37 -22.88 14.89
N LYS A 88 8.84 -21.65 14.77
CA LYS A 88 8.78 -20.94 13.48
C LYS A 88 9.97 -21.32 12.57
N ALA A 89 11.07 -21.70 13.20
CA ALA A 89 12.33 -21.98 12.48
C ALA A 89 12.19 -23.25 11.61
N ASN A 90 11.20 -24.07 11.96
CA ASN A 90 10.91 -25.28 11.19
C ASN A 90 10.57 -24.96 9.74
N MET A 91 10.02 -23.78 9.52
CA MET A 91 9.55 -23.39 8.19
C MET A 91 10.70 -22.79 7.38
N LEU A 92 11.82 -22.57 8.05
CA LEU A 92 12.95 -21.77 7.51
C LEU A 92 14.20 -22.59 7.14
N THR A 93 14.25 -23.80 7.65
CA THR A 93 15.51 -24.56 7.61
C THR A 93 15.92 -24.89 6.16
N LYS A 94 14.95 -25.05 5.27
CA LYS A 94 15.25 -25.32 3.86
C LYS A 94 16.02 -24.18 3.17
N LEU A 95 15.90 -22.97 3.71
CA LEU A 95 16.55 -21.78 3.10
C LEU A 95 18.07 -21.85 3.21
N ALA A 96 18.50 -22.54 4.27
CA ALA A 96 19.92 -22.60 4.63
C ALA A 96 20.66 -23.44 3.60
N GLU A 97 19.96 -24.37 2.96
CA GLU A 97 20.62 -25.31 2.06
C GLU A 97 20.20 -25.15 0.58
N THR A 98 19.93 -23.92 0.17
CA THR A 98 19.52 -23.64 -1.20
C THR A 98 20.70 -23.42 -2.15
N LYS A 99 20.50 -23.92 -3.37
CA LYS A 99 21.55 -24.00 -4.39
C LYS A 99 22.22 -22.65 -4.65
N GLY A 100 21.50 -21.76 -5.31
CA GLY A 100 22.04 -20.42 -5.59
C GLY A 100 21.83 -19.44 -4.45
N ALA A 101 22.38 -19.77 -3.29
CA ALA A 101 22.23 -18.91 -2.10
C ALA A 101 22.88 -17.54 -2.25
N ALA A 102 22.14 -16.53 -1.84
CA ALA A 102 22.53 -15.13 -1.98
C ALA A 102 23.39 -14.71 -0.81
N ALA A 103 23.35 -15.57 0.20
CA ALA A 103 24.01 -15.27 1.48
C ALA A 103 23.95 -16.48 2.39
N ASP A 104 24.78 -16.44 3.42
CA ASP A 104 24.70 -17.40 4.50
C ASP A 104 23.39 -17.17 5.24
N VAL A 105 22.69 -18.26 5.53
CA VAL A 105 21.47 -18.19 6.35
C VAL A 105 21.73 -18.83 7.72
N ASN A 106 21.69 -17.97 8.72
CA ASN A 106 22.05 -18.26 10.11
C ASN A 106 20.81 -18.20 11.03
N ILE A 107 20.22 -19.36 11.27
CA ILE A 107 18.98 -19.42 12.05
C ILE A 107 19.26 -19.69 13.53
N LEU A 108 18.88 -18.75 14.37
CA LEU A 108 19.01 -18.86 15.83
C LEU A 108 17.66 -19.12 16.48
N LYS A 109 17.58 -20.22 17.23
CA LYS A 109 16.29 -20.74 17.67
C LYS A 109 16.00 -20.60 19.14
N ARG A 110 14.98 -19.79 19.43
CA ARG A 110 14.51 -19.60 20.82
C ARG A 110 13.75 -20.81 21.31
N THR A 111 14.00 -21.15 22.56
CA THR A 111 13.34 -22.27 23.22
C THR A 111 12.76 -21.81 24.54
N LYS A 112 12.42 -22.80 25.37
CA LYS A 112 11.92 -22.53 26.72
C LYS A 112 13.08 -22.10 27.62
N ASP A 113 14.30 -22.31 27.14
CA ASP A 113 15.53 -22.06 27.93
C ASP A 113 15.79 -20.56 27.93
N ALA A 114 15.44 -19.93 29.04
CA ALA A 114 15.54 -18.46 29.15
C ALA A 114 16.98 -17.96 29.06
N GLU A 115 17.88 -18.72 29.64
CA GLU A 115 19.30 -18.33 29.67
C GLU A 115 19.89 -18.44 28.28
N GLU A 116 19.55 -19.52 27.58
CA GLU A 116 20.06 -19.71 26.20
C GLU A 116 19.46 -18.64 25.27
N ASN A 117 18.21 -18.27 25.55
CA ASN A 117 17.51 -17.26 24.77
C ASN A 117 18.26 -15.93 24.87
N LYS A 118 18.69 -15.62 26.09
CA LYS A 118 19.42 -14.38 26.34
C LYS A 118 20.72 -14.39 25.54
N LYS A 119 21.38 -15.54 25.51
CA LYS A 119 22.65 -15.71 24.77
C LYS A 119 22.49 -15.47 23.28
N LEU A 120 21.33 -15.84 22.76
CA LEU A 120 21.02 -15.65 21.33
C LEU A 120 20.98 -14.15 21.02
N PHE A 121 20.35 -13.38 21.91
CA PHE A 121 20.34 -11.92 21.76
C PHE A 121 21.75 -11.37 21.83
N GLU A 122 22.54 -11.95 22.74
CA GLU A 122 23.90 -11.51 22.98
C GLU A 122 24.78 -11.76 21.75
N LYS A 123 24.45 -12.82 21.02
CA LYS A 123 25.17 -13.14 19.75
C LYS A 123 25.00 -12.02 18.72
N ILE A 124 23.80 -11.45 18.69
CA ILE A 124 23.48 -10.36 17.77
C ILE A 124 24.37 -9.13 18.04
N ILE A 125 24.56 -8.85 19.33
CA ILE A 125 25.39 -7.74 19.78
C ILE A 125 26.84 -8.03 19.38
N GLU A 126 27.24 -9.29 19.55
CA GLU A 126 28.58 -9.73 19.18
C GLU A 126 28.82 -9.47 17.69
N TYR A 127 27.83 -9.81 16.88
CA TYR A 127 27.93 -9.63 15.42
C TYR A 127 28.07 -8.15 15.09
N ILE A 128 27.26 -7.33 15.72
CA ILE A 128 27.29 -5.89 15.42
C ILE A 128 28.64 -5.31 15.81
N ARG A 129 29.17 -5.79 16.93
CA ARG A 129 30.42 -5.25 17.46
C ARG A 129 31.58 -5.53 16.52
N ALA A 130 31.47 -6.63 15.76
CA ALA A 130 32.55 -7.05 14.85
C ALA A 130 32.54 -6.22 13.55
N THR A 131 31.59 -5.29 13.45
CA THR A 131 31.42 -4.41 12.29
C THR A 131 31.92 -2.98 12.54
N ASN A 132 31.65 -2.10 11.59
CA ASN A 132 32.02 -0.68 11.68
C ASN A 132 31.07 0.07 12.62
N LYS A 133 30.16 -0.69 13.22
CA LYS A 133 29.26 -0.20 14.27
C LYS A 133 28.13 0.69 13.75
N LYS A 134 28.05 0.84 12.44
CA LYS A 134 26.97 1.61 11.80
C LYS A 134 25.82 0.65 11.46
N VAL A 135 24.67 0.90 12.09
CA VAL A 135 23.51 -0.01 12.00
C VAL A 135 22.29 0.66 11.38
N GLY A 136 21.88 0.10 10.27
CA GLY A 136 20.68 0.50 9.56
C GLY A 136 19.43 -0.06 10.22
N VAL A 137 18.48 0.84 10.41
CA VAL A 137 17.19 0.52 11.03
C VAL A 137 16.04 1.22 10.26
N PHE A 138 14.82 0.77 10.56
CA PHE A 138 13.58 1.43 10.12
C PHE A 138 13.03 2.18 11.35
N PRO A 139 13.40 3.47 11.50
CA PRO A 139 13.19 4.19 12.76
C PRO A 139 11.72 4.48 13.12
N LYS A 140 10.84 4.38 12.14
CA LYS A 140 9.41 4.74 12.30
C LYS A 140 8.61 3.61 12.94
N ASP A 141 9.16 2.41 12.84
CA ASP A 141 8.34 1.22 13.09
C ASP A 141 7.97 1.09 14.57
N LYS A 142 6.69 0.77 14.78
CA LYS A 142 6.10 0.62 16.11
C LYS A 142 6.02 -0.87 16.42
N THR A 143 6.43 -1.23 17.62
CA THR A 143 6.38 -2.61 18.10
C THR A 143 6.04 -2.68 19.60
N GLN A 144 5.64 -3.87 20.03
CA GLN A 144 5.46 -4.13 21.45
C GLN A 144 5.46 -5.63 21.78
N GLY A 145 5.52 -5.90 23.06
CA GLY A 145 5.38 -7.28 23.56
C GLY A 145 6.60 -7.85 24.25
N LYS A 146 6.47 -9.12 24.62
CA LYS A 146 7.44 -9.81 25.49
C LYS A 146 8.80 -9.95 24.81
N PHE A 147 8.77 -10.30 23.52
CA PHE A 147 9.96 -10.53 22.73
C PHE A 147 10.76 -9.25 22.65
N ILE A 148 10.04 -8.18 22.32
CA ILE A 148 10.65 -6.86 22.15
C ILE A 148 11.21 -6.30 23.46
N ASN A 149 10.51 -6.55 24.55
CA ASN A 149 10.97 -6.10 25.87
C ASN A 149 12.28 -6.85 26.25
N GLU A 150 12.36 -8.11 25.87
CA GLU A 150 13.58 -8.92 26.11
C GLU A 150 14.77 -8.33 25.38
N TRP A 151 14.53 -8.09 24.10
CA TRP A 151 15.57 -7.54 23.23
C TRP A 151 16.03 -6.19 23.73
N ASP A 152 15.05 -5.37 24.12
CA ASP A 152 15.33 -4.01 24.58
C ASP A 152 16.21 -4.04 25.81
N SER A 153 16.00 -5.04 26.66
CA SER A 153 16.75 -5.15 27.92
C SER A 153 18.21 -5.41 27.65
N ILE A 154 18.47 -6.02 26.50
CA ILE A 154 19.83 -6.40 26.09
C ILE A 154 20.47 -5.29 25.24
N PHE A 155 19.73 -4.80 24.26
CA PHE A 155 20.28 -3.82 23.29
C PHE A 155 20.43 -2.40 23.89
N GLU A 156 19.41 -1.94 24.58
CA GLU A 156 19.38 -0.53 25.05
C GLU A 156 20.58 -0.14 25.94
N PRO A 157 21.04 -1.05 26.82
CA PRO A 157 22.20 -0.71 27.64
C PRO A 157 23.53 -0.53 26.87
N VAL A 158 23.61 -1.11 25.67
CA VAL A 158 24.86 -1.05 24.88
C VAL A 158 24.74 -0.21 23.61
N LYS A 159 23.56 0.35 23.40
CA LYS A 159 23.19 1.01 22.14
C LYS A 159 24.14 2.17 21.75
N SER A 160 24.64 2.86 22.76
CA SER A 160 25.51 4.01 22.56
C SER A 160 26.85 3.63 21.92
N GLU A 161 27.11 2.34 21.84
CA GLU A 161 28.31 1.81 21.16
C GLU A 161 28.17 1.91 19.65
N PHE A 162 26.94 2.14 19.22
CA PHE A 162 26.57 2.04 17.80
C PHE A 162 25.95 3.32 17.25
N ASN A 163 26.11 3.48 15.93
CA ASN A 163 25.51 4.56 15.16
C ASN A 163 24.35 4.04 14.34
N LEU A 164 23.15 4.36 14.81
CA LEU A 164 21.90 3.94 14.17
C LEU A 164 21.55 4.91 13.05
N VAL A 165 21.35 4.36 11.86
CA VAL A 165 21.09 5.16 10.66
C VAL A 165 19.85 4.62 9.95
N ASP A 166 19.18 5.49 9.20
CA ASP A 166 17.91 5.15 8.57
C ASP A 166 18.14 4.51 7.21
N ALA A 167 17.85 3.21 7.12
CA ALA A 167 18.06 2.43 5.88
C ALA A 167 16.78 2.20 5.08
N SER A 168 15.73 2.89 5.48
CA SER A 168 14.39 2.79 4.83
C SER A 168 14.45 2.87 3.30
N LEU A 169 15.19 3.85 2.81
CA LEU A 169 15.19 4.13 1.35
C LEU A 169 15.87 3.02 0.56
N GLY A 170 16.76 2.30 1.24
CA GLY A 170 17.44 1.15 0.66
C GLY A 170 16.47 0.02 0.37
N LEU A 171 15.59 -0.26 1.32
CA LEU A 171 14.52 -1.25 1.11
C LEU A 171 13.52 -0.72 0.08
N ALA A 172 13.17 0.55 0.21
CA ALA A 172 12.20 1.17 -0.70
C ALA A 172 12.58 0.97 -2.16
N LYS A 173 13.86 1.12 -2.46
CA LYS A 173 14.32 0.98 -3.85
C LYS A 173 14.02 -0.41 -4.40
N CYS A 174 14.21 -1.40 -3.54
CA CYS A 174 14.08 -2.81 -3.92
C CYS A 174 12.62 -3.22 -4.07
N LEU A 175 11.81 -2.73 -3.16
CA LEU A 175 10.37 -3.02 -3.20
C LEU A 175 9.70 -2.34 -4.38
N ALA A 176 10.28 -1.24 -4.85
CA ALA A 176 9.61 -0.37 -5.83
C ALA A 176 9.33 -1.08 -7.15
N ILE A 177 10.29 -1.90 -7.57
CA ILE A 177 10.19 -2.59 -8.87
C ILE A 177 9.58 -3.96 -8.64
N LYS A 178 8.33 -4.10 -9.07
CA LYS A 178 7.60 -5.38 -8.91
C LYS A 178 7.99 -6.40 -9.99
N ASP A 179 8.18 -7.64 -9.56
CA ASP A 179 8.45 -8.74 -10.48
C ASP A 179 7.15 -9.30 -11.03
N GLU A 180 7.29 -10.34 -11.86
CA GLU A 180 6.14 -10.88 -12.59
C GLU A 180 5.05 -11.36 -11.62
N GLN A 181 5.48 -12.01 -10.55
CA GLN A 181 4.54 -12.55 -9.55
C GLN A 181 3.81 -11.45 -8.80
N GLU A 182 4.57 -10.41 -8.49
CA GLU A 182 4.08 -9.32 -7.67
C GLU A 182 3.04 -8.51 -8.47
N LEU A 183 3.33 -8.34 -9.75
CA LEU A 183 2.43 -7.60 -10.66
C LEU A 183 1.14 -8.39 -10.81
N ALA A 184 1.29 -9.71 -10.89
CA ALA A 184 0.14 -10.63 -10.96
C ALA A 184 -0.72 -10.48 -9.70
N ASN A 185 -0.07 -10.32 -8.55
CA ASN A 185 -0.80 -10.22 -7.27
C ASN A 185 -1.59 -8.91 -7.20
N ILE A 186 -0.96 -7.84 -7.65
CA ILE A 186 -1.56 -6.50 -7.57
C ILE A 186 -2.72 -6.40 -8.56
N LYS A 187 -2.53 -7.05 -9.71
CA LYS A 187 -3.55 -7.14 -10.75
C LYS A 187 -4.77 -7.93 -10.26
N GLY A 188 -4.50 -9.05 -9.61
CA GLY A 188 -5.56 -9.83 -8.98
C GLY A 188 -6.37 -9.02 -7.97
N ALA A 189 -5.66 -8.36 -7.07
CA ALA A 189 -6.27 -7.50 -6.05
C ALA A 189 -7.13 -6.43 -6.70
N SER A 190 -6.57 -5.84 -7.75
CA SER A 190 -7.23 -4.77 -8.52
C SER A 190 -8.52 -5.25 -9.13
N ARG A 191 -8.50 -6.46 -9.67
CA ARG A 191 -9.66 -7.06 -10.33
C ARG A 191 -10.78 -7.25 -9.33
N VAL A 192 -10.42 -7.66 -8.12
CA VAL A 192 -11.45 -7.82 -7.10
C VAL A 192 -12.02 -6.47 -6.75
N SER A 193 -11.14 -5.47 -6.57
CA SER A 193 -11.59 -4.13 -6.18
C SER A 193 -12.61 -3.57 -7.18
N VAL A 194 -12.32 -3.71 -8.47
CA VAL A 194 -13.17 -3.13 -9.53
C VAL A 194 -14.48 -3.90 -9.62
N ALA A 195 -14.41 -5.20 -9.43
CA ALA A 195 -15.62 -6.06 -9.46
C ALA A 195 -16.58 -5.62 -8.36
N VAL A 196 -16.05 -5.41 -7.17
CA VAL A 196 -16.88 -4.99 -6.00
C VAL A 196 -17.45 -3.57 -6.20
N MET A 197 -16.61 -2.67 -6.69
CA MET A 197 -17.06 -1.30 -6.99
C MET A 197 -18.14 -1.32 -8.05
N SER A 198 -17.86 -2.00 -9.18
CA SER A 198 -18.75 -2.00 -10.35
C SER A 198 -20.03 -2.82 -10.18
N LYS A 199 -19.89 -3.98 -9.57
CA LYS A 199 -20.93 -5.01 -9.60
C LYS A 199 -21.70 -5.15 -8.28
N TYR A 200 -21.23 -4.47 -7.25
CA TYR A 200 -21.96 -4.42 -5.97
C TYR A 200 -22.24 -3.02 -5.50
N PHE A 201 -21.21 -2.22 -5.34
CA PHE A 201 -21.37 -0.86 -4.78
C PHE A 201 -22.32 0.00 -5.63
N VAL A 202 -22.07 0.07 -6.93
CA VAL A 202 -22.93 0.91 -7.81
C VAL A 202 -24.39 0.49 -7.80
N ASP A 203 -24.64 -0.80 -7.92
CA ASP A 203 -25.99 -1.35 -7.84
C ASP A 203 -26.65 -0.96 -6.52
N GLU A 204 -25.93 -1.15 -5.42
CA GLU A 204 -26.51 -0.86 -4.09
C GLU A 204 -26.78 0.63 -3.97
N LEU A 205 -25.82 1.42 -4.42
CA LEU A 205 -25.88 2.87 -4.25
C LEU A 205 -27.07 3.45 -5.01
N SER A 206 -27.15 3.10 -6.29
CA SER A 206 -28.19 3.69 -7.15
C SER A 206 -29.59 3.28 -6.67
N THR A 207 -29.69 2.06 -6.14
CA THR A 207 -30.96 1.55 -5.63
C THR A 207 -31.39 2.35 -4.40
N TYR A 208 -30.44 2.55 -3.49
CA TYR A 208 -30.71 3.23 -2.23
C TYR A 208 -31.22 4.64 -2.52
N ILE A 209 -30.56 5.30 -3.46
CA ILE A 209 -30.92 6.67 -3.78
C ILE A 209 -32.30 6.69 -4.44
N ASP A 210 -32.48 5.83 -5.42
CA ASP A 210 -33.75 5.75 -6.15
C ASP A 210 -34.92 5.47 -5.18
N GLN A 211 -34.68 4.61 -4.21
CA GLN A 211 -35.70 4.17 -3.27
C GLN A 211 -35.82 5.04 -2.02
N GLY A 212 -34.94 6.03 -1.94
CA GLY A 212 -34.90 6.95 -0.79
C GLY A 212 -34.57 6.30 0.53
N LYS A 213 -33.78 5.24 0.43
CA LYS A 213 -33.28 4.50 1.61
C LYS A 213 -32.58 5.40 2.61
N LYS A 214 -32.91 5.21 3.87
CA LYS A 214 -32.18 5.87 4.96
C LYS A 214 -31.12 4.92 5.51
N ILE A 215 -29.88 5.32 5.30
CA ILE A 215 -28.73 4.51 5.68
C ILE A 215 -27.52 5.41 5.90
N THR A 216 -26.77 5.15 6.96
CA THR A 216 -25.56 5.93 7.24
C THR A 216 -24.40 5.43 6.40
N HIS A 217 -23.46 6.32 6.15
CA HIS A 217 -22.25 5.99 5.36
C HIS A 217 -21.52 4.79 5.99
N SER A 218 -21.40 4.81 7.31
CA SER A 218 -20.63 3.80 8.03
C SER A 218 -21.36 2.45 7.98
N LYS A 219 -22.68 2.50 7.99
CA LYS A 219 -23.51 1.30 7.88
C LYS A 219 -23.36 0.69 6.47
N PHE A 220 -23.36 1.54 5.45
CA PHE A 220 -23.16 1.09 4.06
C PHE A 220 -21.74 0.51 3.91
N SER A 221 -20.79 1.20 4.49
CA SER A 221 -19.39 0.76 4.49
C SER A 221 -19.21 -0.62 5.15
N ASP A 222 -19.85 -0.82 6.28
CA ASP A 222 -19.73 -2.08 7.03
C ASP A 222 -20.36 -3.20 6.23
N GLN A 223 -21.47 -2.87 5.58
CA GLN A 223 -22.21 -3.84 4.77
C GLN A 223 -21.31 -4.37 3.65
N MET A 224 -20.68 -3.43 2.98
CA MET A 224 -19.78 -3.74 1.87
C MET A 224 -18.54 -4.54 2.38
N GLU A 225 -17.99 -4.11 3.51
CA GLU A 225 -16.85 -4.79 4.13
C GLU A 225 -17.18 -6.28 4.45
N SER A 226 -18.40 -6.53 4.90
CA SER A 226 -18.79 -7.87 5.35
CA SER A 226 -18.83 -7.86 5.35
C SER A 226 -18.82 -8.85 4.19
N LEU A 227 -18.80 -8.29 2.99
CA LEU A 227 -18.84 -9.05 1.74
C LEU A 227 -17.64 -10.02 1.65
N ILE A 228 -16.55 -9.66 2.33
CA ILE A 228 -15.31 -10.48 2.26
C ILE A 228 -15.51 -11.87 2.88
N ASP A 229 -16.52 -11.96 3.72
CA ASP A 229 -16.87 -13.20 4.43
C ASP A 229 -17.70 -14.13 3.55
N ASN A 230 -18.12 -13.61 2.41
CA ASN A 230 -19.04 -14.31 1.51
C ASN A 230 -18.34 -14.88 0.28
N GLU A 231 -17.82 -16.08 0.40
CA GLU A 231 -17.04 -16.69 -0.68
C GLU A 231 -17.93 -16.89 -1.92
N ALA A 232 -19.21 -17.17 -1.69
CA ALA A 232 -20.15 -17.42 -2.79
C ALA A 232 -20.29 -16.20 -3.68
N PHE A 233 -20.19 -15.02 -3.06
CA PHE A 233 -20.30 -13.78 -3.79
C PHE A 233 -19.18 -13.66 -4.82
N PHE A 234 -17.95 -14.02 -4.42
CA PHE A 234 -16.79 -13.84 -5.31
C PHE A 234 -16.77 -14.88 -6.43
N GLN A 235 -17.49 -15.97 -6.19
CA GLN A 235 -17.51 -17.13 -7.08
C GLN A 235 -18.57 -17.03 -8.17
N THR A 236 -19.32 -15.94 -8.15
CA THR A 236 -20.31 -15.65 -9.18
C THR A 236 -19.63 -15.46 -10.51
N LYS A 237 -20.02 -16.30 -11.47
CA LYS A 237 -19.37 -16.35 -12.79
C LYS A 237 -19.26 -14.97 -13.44
N SER A 238 -20.23 -14.11 -13.13
CA SER A 238 -20.29 -12.74 -13.70
C SER A 238 -19.03 -11.94 -13.34
N LEU A 239 -18.54 -12.14 -12.12
CA LEU A 239 -17.48 -11.30 -11.55
C LEU A 239 -16.14 -11.62 -12.20
N LYS A 240 -16.07 -12.81 -12.76
CA LYS A 240 -14.88 -13.31 -13.42
C LYS A 240 -13.65 -13.26 -12.49
N LEU A 241 -13.80 -13.84 -11.30
CA LEU A 241 -12.73 -13.91 -10.31
C LEU A 241 -12.38 -15.34 -9.93
N GLY A 242 -12.64 -16.25 -10.87
CA GLY A 242 -12.53 -17.70 -10.62
C GLY A 242 -11.14 -18.17 -10.19
N ASP A 243 -10.15 -17.38 -10.55
CA ASP A 243 -8.74 -17.75 -10.38
C ASP A 243 -8.19 -17.26 -9.07
N ILE A 244 -8.96 -16.39 -8.41
CA ILE A 244 -8.49 -15.77 -7.17
C ILE A 244 -8.64 -16.73 -5.99
N ASP A 245 -7.55 -16.87 -5.24
CA ASP A 245 -7.53 -17.65 -4.00
C ASP A 245 -8.06 -16.79 -2.87
N LEU A 246 -9.34 -16.99 -2.57
CA LEU A 246 -10.08 -16.19 -1.60
C LEU A 246 -9.45 -16.22 -0.22
N ASP A 247 -8.76 -17.31 0.07
CA ASP A 247 -8.05 -17.47 1.37
C ASP A 247 -6.90 -16.47 1.54
N GLN A 248 -6.51 -15.84 0.45
CA GLN A 248 -5.35 -14.91 0.44
C GLN A 248 -5.81 -13.48 0.19
N LEU A 249 -7.10 -13.28 0.38
CA LEU A 249 -7.73 -11.99 0.13
C LEU A 249 -8.10 -11.27 1.41
N GLU A 250 -7.80 -9.99 1.46
CA GLU A 250 -8.15 -9.13 2.59
C GLU A 250 -8.51 -7.74 2.13
N TRP A 251 -9.17 -6.98 3.00
CA TRP A 251 -9.35 -5.54 2.76
C TRP A 251 -8.06 -4.78 3.05
N CYS A 252 -7.81 -3.72 2.29
CA CYS A 252 -6.68 -2.79 2.55
C CYS A 252 -7.00 -1.84 3.69
N TYR A 253 -8.29 -1.53 3.79
CA TYR A 253 -8.88 -0.64 4.77
C TYR A 253 -10.41 -0.70 4.67
N THR A 254 -11.08 -0.02 5.60
CA THR A 254 -12.54 0.06 5.57
C THR A 254 -12.98 1.03 4.49
N PRO A 255 -13.83 0.56 3.54
CA PRO A 255 -14.25 1.43 2.42
C PRO A 255 -14.75 2.79 2.87
N ILE A 256 -14.28 3.80 2.14
CA ILE A 256 -14.58 5.18 2.42
C ILE A 256 -15.74 5.63 1.54
N ILE A 257 -16.85 5.97 2.18
CA ILE A 257 -18.04 6.47 1.49
C ILE A 257 -18.43 7.86 2.01
N GLN A 258 -18.58 8.77 1.07
CA GLN A 258 -18.90 10.18 1.38
C GLN A 258 -19.99 10.75 0.49
N SER A 259 -20.83 11.57 1.09
CA SER A 259 -21.87 12.36 0.40
C SER A 259 -22.41 13.51 1.26
N GLY A 260 -23.33 14.26 0.68
CA GLY A 260 -24.13 15.22 1.44
C GLY A 260 -23.33 16.39 1.95
N GLY A 261 -22.28 16.71 1.21
CA GLY A 261 -21.60 17.99 1.38
C GLY A 261 -20.36 17.97 2.23
N SER A 262 -20.08 16.80 2.79
CA SER A 262 -18.92 16.61 3.63
C SER A 262 -17.96 15.59 2.99
N TYR A 263 -16.81 16.09 2.56
CA TYR A 263 -15.82 15.27 1.81
C TYR A 263 -14.46 15.47 2.36
N ASP A 264 -13.64 14.44 2.12
CA ASP A 264 -12.21 14.38 2.52
C ASP A 264 -11.45 13.51 1.52
N LEU A 265 -10.62 14.16 0.74
CA LEU A 265 -9.92 13.47 -0.35
C LEU A 265 -8.61 12.84 0.13
N LYS A 266 -8.31 12.97 1.42
CA LYS A 266 -7.11 12.33 1.99
C LYS A 266 -7.38 10.84 2.23
N PRO A 267 -6.37 9.98 1.99
CA PRO A 267 -6.48 8.52 2.16
C PRO A 267 -6.72 8.12 3.60
N SER A 268 -6.50 9.08 4.49
CA SER A 268 -6.72 8.89 5.94
C SER A 268 -8.18 9.09 6.41
N ALA A 269 -9.04 9.46 5.47
CA ALA A 269 -10.46 9.69 5.73
C ALA A 269 -11.10 8.45 6.32
N ILE A 270 -12.01 8.70 7.25
CA ILE A 270 -12.82 7.67 7.93
C ILE A 270 -14.28 7.94 7.60
N THR A 271 -14.94 6.88 7.14
CA THR A 271 -16.37 6.98 6.85
C THR A 271 -17.14 7.42 8.09
N ASP A 272 -17.96 8.46 7.92
CA ASP A 272 -18.74 9.05 9.03
C ASP A 272 -20.10 8.37 9.23
N ASP A 273 -20.87 8.97 10.13
CA ASP A 273 -22.14 8.36 10.59
C ASP A 273 -23.34 9.10 10.04
N ARG A 274 -23.07 9.99 9.11
CA ARG A 274 -24.10 10.80 8.49
C ARG A 274 -24.89 9.95 7.49
N ASN A 275 -26.13 10.38 7.25
CA ASN A 275 -27.01 9.74 6.25
C ASN A 275 -26.53 9.96 4.82
N LEU A 276 -26.53 8.87 4.08
CA LEU A 276 -26.29 8.93 2.63
C LEU A 276 -27.29 9.87 1.94
N HIS A 277 -26.72 10.75 1.11
CA HIS A 277 -27.47 11.74 0.33
C HIS A 277 -27.19 11.56 -1.15
N GLY A 278 -28.27 11.55 -1.92
CA GLY A 278 -28.16 11.48 -3.36
C GLY A 278 -27.78 12.80 -4.01
N ASP A 279 -26.53 13.19 -3.86
CA ASP A 279 -26.03 14.37 -4.54
C ASP A 279 -24.72 14.08 -5.28
N VAL A 280 -23.64 14.15 -4.53
CA VAL A 280 -22.33 13.75 -5.01
C VAL A 280 -21.77 12.74 -4.05
N VAL A 281 -21.56 11.53 -4.55
CA VAL A 281 -21.07 10.41 -3.70
C VAL A 281 -19.67 9.95 -4.16
N LEU A 282 -18.75 9.94 -3.21
CA LEU A 282 -17.42 9.39 -3.43
C LEU A 282 -17.30 8.06 -2.71
N CYS A 283 -16.66 7.14 -3.38
CA CYS A 283 -16.29 5.87 -2.79
C CYS A 283 -14.86 5.45 -3.19
N SER A 284 -14.09 5.10 -2.19
CA SER A 284 -12.76 4.49 -2.35
C SER A 284 -12.75 3.14 -1.61
N LEU A 285 -12.26 2.12 -2.29
CA LEU A 285 -12.09 0.79 -1.69
C LEU A 285 -10.93 0.04 -2.34
N GLY A 286 -10.31 -0.84 -1.57
CA GLY A 286 -9.19 -1.64 -2.08
C GLY A 286 -8.98 -2.94 -1.36
N PHE A 287 -8.72 -3.98 -2.15
CA PHE A 287 -8.32 -5.29 -1.65
C PHE A 287 -6.80 -5.49 -1.71
N ARG A 288 -6.38 -6.38 -0.83
CA ARG A 288 -5.03 -6.90 -0.72
C ARG A 288 -5.06 -8.39 -1.07
N TYR A 289 -4.20 -8.78 -1.99
CA TYR A 289 -4.10 -10.18 -2.43
C TYR A 289 -2.67 -10.73 -2.25
N LYS A 290 -2.56 -11.80 -1.47
CA LYS A 290 -1.26 -12.39 -1.11
C LYS A 290 -0.34 -11.30 -0.55
N SER A 291 -0.95 -10.39 0.18
CA SER A 291 -0.31 -9.26 0.88
C SER A 291 0.01 -8.05 -0.03
N TYR A 292 -0.41 -8.12 -1.28
CA TYR A 292 -0.18 -6.99 -2.20
C TYR A 292 -1.47 -6.16 -2.39
N CYS A 293 -1.31 -4.86 -2.14
CA CYS A 293 -2.42 -3.87 -2.14
C CYS A 293 -2.83 -3.39 -3.51
N SER A 294 -4.09 -2.99 -3.55
CA SER A 294 -4.66 -2.27 -4.67
C SER A 294 -5.67 -1.23 -4.12
N ASN A 295 -6.05 -0.32 -4.99
CA ASN A 295 -6.98 0.78 -4.65
C ASN A 295 -7.75 1.31 -5.87
N VAL A 296 -9.03 1.59 -5.64
CA VAL A 296 -9.89 2.20 -6.67
C VAL A 296 -10.86 3.17 -6.00
N GLY A 297 -11.16 4.24 -6.73
CA GLY A 297 -12.00 5.33 -6.24
C GLY A 297 -12.78 6.02 -7.35
N ARG A 298 -14.05 6.29 -7.07
CA ARG A 298 -14.96 6.82 -8.09
C ARG A 298 -15.91 7.85 -7.50
N THR A 299 -16.43 8.62 -8.42
CA THR A 299 -17.40 9.65 -8.16
C THR A 299 -18.71 9.26 -8.84
N TYR A 300 -19.79 9.40 -8.08
CA TYR A 300 -21.15 9.21 -8.61
C TYR A 300 -22.01 10.44 -8.39
N LEU A 301 -22.69 10.82 -9.46
CA LEU A 301 -23.50 12.05 -9.48
C LEU A 301 -24.98 11.78 -9.63
N PHE A 302 -25.77 12.41 -8.77
CA PHE A 302 -27.21 12.29 -8.80
C PHE A 302 -27.89 13.63 -9.07
N ASP A 303 -28.60 13.64 -10.20
CA ASP A 303 -29.21 14.87 -10.73
C ASP A 303 -28.23 16.04 -10.68
N PRO A 304 -27.01 15.84 -11.18
CA PRO A 304 -26.00 16.89 -11.15
C PRO A 304 -26.42 18.04 -12.05
N ASP A 305 -25.96 19.23 -11.71
CA ASP A 305 -26.11 20.37 -12.64
C ASP A 305 -24.99 20.41 -13.67
N SER A 306 -25.11 21.33 -14.63
CA SER A 306 -24.17 21.35 -15.78
C SER A 306 -22.72 21.61 -15.32
N GLU A 307 -22.57 22.39 -14.28
CA GLU A 307 -21.22 22.77 -13.78
C GLU A 307 -20.54 21.58 -13.13
N GLN A 308 -21.33 20.80 -12.38
CA GLN A 308 -20.78 19.60 -11.73
C GLN A 308 -20.30 18.61 -12.78
N GLN A 309 -21.10 18.45 -13.83
CA GLN A 309 -20.77 17.50 -14.91
C GLN A 309 -19.53 17.98 -15.67
N LYS A 310 -19.46 19.29 -15.90
CA LYS A 310 -18.33 19.91 -16.59
C LYS A 310 -17.02 19.68 -15.81
N ASN A 311 -17.11 19.93 -14.53
CA ASN A 311 -15.94 19.81 -13.64
C ASN A 311 -15.49 18.35 -13.53
N TYR A 312 -16.47 17.46 -13.42
CA TYR A 312 -16.16 16.02 -13.37
C TYR A 312 -15.51 15.59 -14.69
N SER A 313 -16.06 16.01 -15.81
CA SER A 313 -15.47 15.63 -17.12
C SER A 313 -14.06 16.15 -17.27
N PHE A 314 -13.79 17.31 -16.68
CA PHE A 314 -12.45 17.91 -16.71
C PHE A 314 -11.48 17.02 -15.92
N LEU A 315 -11.95 16.53 -14.76
CA LEU A 315 -11.18 15.61 -13.93
C LEU A 315 -10.80 14.33 -14.70
N VAL A 316 -11.77 13.78 -15.41
CA VAL A 316 -11.55 12.55 -16.17
C VAL A 316 -10.47 12.81 -17.22
N ALA A 317 -10.57 13.94 -17.89
CA ALA A 317 -9.59 14.30 -18.93
C ALA A 317 -8.17 14.47 -18.35
N LEU A 318 -8.10 15.07 -17.16
CA LEU A 318 -6.83 15.31 -16.50
C LEU A 318 -6.22 13.97 -16.09
N GLN A 319 -7.08 13.03 -15.68
CA GLN A 319 -6.60 11.73 -15.23
C GLN A 319 -5.98 10.98 -16.40
N LYS A 320 -6.59 11.14 -17.59
CA LYS A 320 -6.07 10.53 -18.80
C LYS A 320 -4.67 11.06 -19.09
N LYS A 321 -4.48 12.37 -18.92
CA LYS A 321 -3.15 12.99 -19.12
C LYS A 321 -2.15 12.48 -18.07
N LEU A 322 -2.63 12.30 -16.84
CA LEU A 322 -1.79 11.83 -15.74
C LEU A 322 -1.28 10.45 -16.13
N PHE A 323 -2.17 9.60 -16.64
CA PHE A 323 -1.75 8.23 -17.02
C PHE A 323 -0.64 8.32 -18.09
N GLU A 324 -0.86 9.18 -19.08
CA GLU A 324 0.07 9.32 -20.20
C GLU A 324 1.46 9.74 -19.72
N TYR A 325 1.49 10.58 -18.69
CA TYR A 325 2.75 11.13 -18.18
C TYR A 325 3.55 10.12 -17.33
N CYS A 326 2.82 9.11 -16.85
CA CYS A 326 3.38 8.10 -15.94
C CYS A 326 3.99 6.95 -16.71
N ARG A 327 5.20 7.21 -17.19
CA ARG A 327 6.00 6.20 -17.86
C ARG A 327 7.47 6.22 -17.44
N ASP A 328 8.14 5.14 -17.83
CA ASP A 328 9.55 4.94 -17.52
C ASP A 328 10.37 6.15 -17.94
N GLY A 329 11.09 6.71 -16.97
CA GLY A 329 12.02 7.82 -17.24
C GLY A 329 11.47 9.17 -16.86
N ALA A 330 10.16 9.20 -16.60
CA ALA A 330 9.50 10.45 -16.17
C ALA A 330 9.91 10.82 -14.75
N VAL A 331 10.30 12.07 -14.58
CA VAL A 331 10.58 12.59 -13.24
C VAL A 331 9.27 12.88 -12.50
N ILE A 332 9.12 12.30 -11.31
CA ILE A 332 7.83 12.36 -10.59
C ILE A 332 7.32 13.79 -10.42
N GLY A 333 8.21 14.68 -9.97
CA GLY A 333 7.82 16.06 -9.72
C GLY A 333 7.37 16.76 -10.97
N ASP A 334 7.97 16.37 -12.09
CA ASP A 334 7.59 16.90 -13.40
C ASP A 334 6.14 16.52 -13.75
N ILE A 335 5.75 15.32 -13.35
CA ILE A 335 4.38 14.80 -13.63
C ILE A 335 3.35 15.68 -12.92
N TYR A 336 3.57 15.93 -11.63
CA TYR A 336 2.67 16.81 -10.87
C TYR A 336 2.57 18.21 -11.53
N THR A 337 3.72 18.76 -11.87
CA THR A 337 3.81 20.14 -12.38
C THR A 337 3.14 20.28 -13.73
N LYS A 338 3.27 19.23 -14.54
CA LYS A 338 2.60 19.19 -15.84
C LYS A 338 1.07 19.23 -15.66
N ILE A 339 0.60 18.45 -14.69
CA ILE A 339 -0.85 18.37 -14.41
C ILE A 339 -1.36 19.73 -13.93
N LEU A 340 -0.60 20.33 -13.02
CA LEU A 340 -0.88 21.69 -12.54
C LEU A 340 -0.90 22.67 -13.72
N GLY A 341 0.03 22.47 -14.64
CA GLY A 341 0.15 23.35 -15.81
C GLY A 341 -1.08 23.30 -16.72
N LEU A 342 -1.66 22.11 -16.82
CA LEU A 342 -2.88 21.91 -17.63
C LEU A 342 -4.05 22.66 -16.98
N ILE A 343 -4.14 22.57 -15.66
CA ILE A 343 -5.14 23.32 -14.88
C ILE A 343 -5.00 24.83 -15.10
N ARG A 344 -3.78 25.32 -14.96
CA ARG A 344 -3.55 26.74 -15.02
C ARG A 344 -3.86 27.23 -16.42
N ALA A 345 -3.61 26.38 -17.43
CA ALA A 345 -3.84 26.79 -18.83
C ALA A 345 -5.31 26.83 -19.16
N LYS A 346 -6.02 25.79 -18.74
CA LYS A 346 -7.40 25.53 -19.19
C LYS A 346 -8.50 25.88 -18.18
N ARG A 347 -8.23 25.67 -16.90
CA ARG A 347 -9.20 25.94 -15.83
C ARG A 347 -8.52 26.56 -14.62
N PRO A 348 -7.96 27.76 -14.80
CA PRO A 348 -7.17 28.32 -13.71
C PRO A 348 -8.00 28.56 -12.45
N ASP A 349 -9.31 28.63 -12.66
CA ASP A 349 -10.29 28.84 -11.58
C ASP A 349 -10.31 27.67 -10.59
N LEU A 350 -9.82 26.53 -11.04
CA LEU A 350 -9.88 25.29 -10.24
C LEU A 350 -8.59 25.03 -9.43
N GLU A 351 -7.58 25.84 -9.67
CA GLU A 351 -6.32 25.66 -8.96
C GLU A 351 -6.48 25.60 -7.42
N PRO A 352 -7.28 26.50 -6.83
CA PRO A 352 -7.32 26.47 -5.37
C PRO A 352 -7.95 25.20 -4.83
N ASN A 353 -8.67 24.51 -5.69
CA ASN A 353 -9.44 23.28 -5.32
C ASN A 353 -8.63 21.98 -5.51
N PHE A 354 -7.47 22.14 -6.12
CA PHE A 354 -6.69 20.99 -6.61
C PHE A 354 -5.92 20.34 -5.47
N VAL A 355 -5.88 19.01 -5.54
CA VAL A 355 -5.09 18.18 -4.62
C VAL A 355 -3.58 18.51 -4.70
N ARG A 356 -2.91 18.34 -3.57
CA ARG A 356 -1.50 18.71 -3.38
C ARG A 356 -0.52 17.59 -3.75
N ASN A 357 -1.06 16.39 -3.86
CA ASN A 357 -0.35 15.22 -4.41
C ASN A 357 -1.30 14.28 -5.15
N LEU A 358 -0.73 13.44 -6.01
CA LEU A 358 -1.52 12.59 -6.90
C LEU A 358 -1.38 11.12 -6.57
N GLY A 359 -1.12 10.86 -5.29
CA GLY A 359 -0.93 9.50 -4.78
C GLY A 359 0.54 9.10 -4.62
N ALA A 360 0.77 7.81 -4.62
CA ALA A 360 2.10 7.24 -4.31
C ALA A 360 2.23 5.80 -4.82
N GLY A 361 3.39 5.22 -4.59
CA GLY A 361 3.63 3.83 -4.96
C GLY A 361 2.80 2.94 -4.06
N ILE A 362 2.58 1.72 -4.54
CA ILE A 362 1.74 0.77 -3.79
C ILE A 362 2.28 -0.65 -4.00
N GLY A 363 2.19 -1.46 -2.94
CA GLY A 363 2.66 -2.84 -3.02
C GLY A 363 2.27 -3.61 -1.78
N ILE A 364 3.25 -4.22 -1.15
CA ILE A 364 3.04 -4.85 0.17
C ILE A 364 2.63 -3.74 1.15
N GLU A 365 3.35 -2.62 1.06
CA GLU A 365 2.92 -1.41 1.77
C GLU A 365 1.79 -0.73 1.01
N PHE A 366 0.76 -0.26 1.74
CA PHE A 366 -0.33 0.45 1.08
C PHE A 366 0.19 1.71 0.42
N ARG A 367 1.18 2.30 1.06
CA ARG A 367 1.79 3.53 0.56
C ARG A 367 3.32 3.45 0.60
N GLU A 368 3.89 3.55 -0.59
CA GLU A 368 5.34 3.70 -0.76
C GLU A 368 5.64 5.21 -0.88
N SER A 369 5.96 5.80 0.27
CA SER A 369 6.05 7.28 0.37
C SER A 369 7.17 7.91 -0.48
N SER A 370 8.18 7.12 -0.81
CA SER A 370 9.29 7.64 -1.60
C SER A 370 8.83 7.99 -3.03
N LEU A 371 7.67 7.49 -3.40
CA LEU A 371 7.12 7.62 -4.76
C LEU A 371 5.90 8.51 -4.73
N LEU A 372 5.82 9.31 -3.68
CA LEU A 372 4.74 10.31 -3.52
C LEU A 372 4.74 11.26 -4.70
N VAL A 373 3.61 11.38 -5.38
CA VAL A 373 3.53 12.18 -6.61
C VAL A 373 3.19 13.63 -6.28
N ASN A 374 4.22 14.36 -5.90
CA ASN A 374 4.11 15.80 -5.70
C ASN A 374 5.20 16.54 -6.47
N ALA A 375 5.17 17.85 -6.38
CA ALA A 375 6.06 18.69 -7.18
C ALA A 375 7.55 18.51 -6.80
N LYS A 376 7.78 18.20 -5.55
CA LYS A 376 9.16 18.18 -4.99
C LYS A 376 9.93 16.92 -5.33
N ASN A 377 9.22 15.86 -5.70
CA ASN A 377 9.84 14.52 -5.78
C ASN A 377 10.79 14.42 -6.98
N PRO A 378 12.11 14.33 -6.74
CA PRO A 378 13.13 14.24 -7.80
C PRO A 378 13.27 12.88 -8.43
N ARG A 379 12.64 11.88 -7.82
CA ARG A 379 12.82 10.49 -8.26
C ARG A 379 12.16 10.25 -9.61
N VAL A 380 12.73 9.28 -10.33
CA VAL A 380 12.31 8.91 -11.68
C VAL A 380 11.53 7.58 -11.71
N LEU A 381 10.42 7.57 -12.44
CA LEU A 381 9.62 6.34 -12.59
C LEU A 381 10.40 5.31 -13.38
N GLN A 382 10.21 4.05 -13.02
CA GLN A 382 10.76 2.92 -13.76
C GLN A 382 9.74 1.85 -14.04
N ALA A 383 9.89 1.24 -15.21
CA ALA A 383 9.05 0.10 -15.58
C ALA A 383 9.05 -0.92 -14.43
N GLY A 384 7.86 -1.35 -14.07
CA GLY A 384 7.66 -2.34 -13.02
C GLY A 384 7.16 -1.73 -11.73
N MET A 385 7.29 -0.42 -11.64
CA MET A 385 6.69 0.30 -10.51
C MET A 385 5.17 0.20 -10.60
N THR A 386 4.54 0.25 -9.43
CA THR A 386 3.08 0.30 -9.36
C THR A 386 2.64 1.48 -8.53
N LEU A 387 1.70 2.24 -9.08
CA LEU A 387 1.20 3.44 -8.43
C LEU A 387 -0.28 3.41 -8.08
N ASN A 388 -0.58 3.90 -6.88
CA ASN A 388 -1.95 4.20 -6.43
C ASN A 388 -2.20 5.68 -6.70
N LEU A 389 -2.72 5.97 -7.89
CA LEU A 389 -2.90 7.36 -8.35
C LEU A 389 -4.27 7.90 -7.94
N SER A 390 -4.25 9.08 -7.35
CA SER A 390 -5.42 9.79 -6.84
C SER A 390 -5.38 11.21 -7.38
N ILE A 391 -6.46 11.61 -8.00
CA ILE A 391 -6.61 12.98 -8.48
C ILE A 391 -8.02 13.45 -8.18
N GLY A 392 -8.12 14.70 -7.78
CA GLY A 392 -9.42 15.28 -7.38
C GLY A 392 -9.42 16.77 -7.18
N PHE A 393 -10.63 17.27 -7.00
CA PHE A 393 -10.89 18.67 -6.62
C PHE A 393 -11.81 18.69 -5.42
N GLY A 394 -11.49 19.54 -4.47
CA GLY A 394 -12.33 19.69 -3.26
C GLY A 394 -12.85 21.08 -3.04
N ASN A 395 -13.84 21.17 -2.15
CA ASN A 395 -14.42 22.44 -1.73
C ASN A 395 -14.95 23.26 -2.91
N LEU A 396 -15.48 22.55 -3.89
CA LEU A 396 -16.20 23.17 -5.02
C LEU A 396 -17.55 23.69 -4.55
N ILE A 397 -17.88 24.91 -4.94
CA ILE A 397 -19.08 25.60 -4.45
C ILE A 397 -20.27 25.48 -5.39
N ASN A 398 -21.38 25.03 -4.84
CA ASN A 398 -22.68 25.05 -5.55
C ASN A 398 -23.29 26.46 -5.62
N PRO A 399 -23.62 26.94 -6.84
CA PRO A 399 -24.12 28.30 -7.10
C PRO A 399 -25.52 28.59 -6.58
N HIS A 400 -26.33 27.53 -6.44
CA HIS A 400 -27.73 27.68 -6.03
C HIS A 400 -28.21 26.58 -5.07
N PRO A 401 -27.58 26.46 -3.90
CA PRO A 401 -27.98 25.43 -2.92
C PRO A 401 -29.36 25.68 -2.38
N LYS A 402 -30.15 24.61 -2.42
CA LYS A 402 -31.52 24.60 -1.90
C LYS A 402 -31.51 24.50 -0.39
N ASN A 403 -32.62 24.94 0.19
CA ASN A 403 -32.84 24.90 1.63
C ASN A 403 -32.25 23.61 2.16
N SER A 404 -32.75 22.52 1.59
CA SER A 404 -32.25 21.16 1.83
C SER A 404 -31.20 20.73 0.79
N GLN A 405 -30.03 21.36 0.84
CA GLN A 405 -29.01 21.06 -0.16
C GLN A 405 -27.60 21.46 0.26
N SER A 406 -26.67 20.57 -0.08
CA SER A 406 -25.24 20.75 0.23
C SER A 406 -24.68 22.00 -0.43
N LYS A 407 -23.85 22.72 0.30
CA LYS A 407 -23.22 23.97 -0.20
C LYS A 407 -22.00 23.70 -1.06
N GLU A 408 -21.41 22.53 -0.84
CA GLU A 408 -20.10 22.18 -1.45
C GLU A 408 -20.06 20.74 -1.87
N TYR A 409 -19.18 20.46 -2.82
CA TYR A 409 -18.92 19.09 -3.22
C TYR A 409 -17.44 18.86 -3.56
N ALA A 410 -17.11 17.60 -3.80
CA ALA A 410 -15.76 17.20 -4.19
C ALA A 410 -15.88 16.13 -5.27
N LEU A 411 -14.77 15.99 -6.01
CA LEU A 411 -14.67 15.06 -7.12
C LEU A 411 -13.34 14.28 -7.00
N LEU A 412 -13.44 13.00 -7.25
CA LEU A 412 -12.33 12.06 -7.02
C LEU A 412 -12.24 10.89 -8.01
N LEU A 413 -11.02 10.60 -8.46
CA LEU A 413 -10.70 9.38 -9.24
C LEU A 413 -9.40 8.77 -8.75
N ILE A 414 -9.48 7.48 -8.43
CA ILE A 414 -8.33 6.68 -8.00
C ILE A 414 -8.25 5.42 -8.84
N ASP A 415 -7.06 5.14 -9.33
CA ASP A 415 -6.77 3.87 -10.01
C ASP A 415 -5.35 3.37 -9.66
N THR A 416 -5.17 2.05 -9.77
CA THR A 416 -3.89 1.38 -9.57
C THR A 416 -3.34 1.02 -10.96
N ILE A 417 -2.09 1.42 -11.16
CA ILE A 417 -1.44 1.30 -12.45
C ILE A 417 -0.04 0.66 -12.36
N GLN A 418 0.33 0.06 -13.47
CA GLN A 418 1.67 -0.49 -13.65
C GLN A 418 2.41 0.38 -14.67
N ILE A 419 3.61 0.79 -14.27
CA ILE A 419 4.51 1.58 -15.11
C ILE A 419 5.18 0.68 -16.13
N THR A 420 5.12 1.11 -17.39
CA THR A 420 5.80 0.45 -18.50
C THR A 420 6.70 1.47 -19.20
N ARG A 421 7.24 1.10 -20.36
CA ARG A 421 8.06 2.06 -21.12
C ARG A 421 7.19 2.96 -21.98
N SER A 422 5.93 2.56 -22.07
CA SER A 422 4.95 3.25 -22.88
C SER A 422 3.78 3.67 -22.00
N ASP A 423 2.57 3.44 -22.49
CA ASP A 423 1.42 3.77 -21.69
C ASP A 423 1.35 2.82 -20.51
N PRO A 424 0.86 3.32 -19.39
CA PRO A 424 0.70 2.42 -18.26
C PRO A 424 -0.48 1.49 -18.44
N ILE A 425 -0.46 0.41 -17.69
CA ILE A 425 -1.56 -0.52 -17.64
C ILE A 425 -2.41 -0.14 -16.44
N VAL A 426 -3.68 0.15 -16.68
CA VAL A 426 -4.58 0.60 -15.61
C VAL A 426 -5.36 -0.62 -15.11
N PHE A 427 -4.85 -1.22 -14.04
CA PHE A 427 -5.41 -2.49 -13.57
C PHE A 427 -6.88 -2.41 -13.16
N THR A 428 -7.23 -1.26 -12.60
CA THR A 428 -8.54 -1.00 -12.01
C THR A 428 -9.49 -0.25 -12.94
N ASP A 429 -9.11 -0.19 -14.20
CA ASP A 429 -9.92 0.50 -15.22
C ASP A 429 -11.38 0.01 -15.20
N SER A 430 -12.27 1.00 -15.22
CA SER A 430 -13.72 0.79 -15.46
C SER A 430 -14.36 2.10 -16.04
N PRO A 431 -15.52 1.99 -16.73
CA PRO A 431 -16.12 3.19 -17.36
C PRO A 431 -16.31 4.31 -16.35
N LYS A 432 -15.77 5.47 -16.68
CA LYS A 432 -15.69 6.62 -15.74
C LYS A 432 -16.23 7.89 -16.37
N ALA A 433 -16.77 7.76 -17.57
CA ALA A 433 -17.32 8.91 -18.29
C ALA A 433 -18.51 9.49 -17.53
N GLN A 434 -18.71 10.79 -17.66
CA GLN A 434 -19.79 11.46 -16.92
C GLN A 434 -21.11 10.73 -17.10
N GLY A 435 -21.40 10.33 -18.33
CA GLY A 435 -22.65 9.64 -18.59
C GLY A 435 -22.82 8.28 -17.94
N ASP A 436 -21.70 7.66 -17.62
CA ASP A 436 -21.65 6.32 -17.00
C ASP A 436 -21.87 6.39 -15.46
N ILE A 437 -21.66 7.55 -14.88
CA ILE A 437 -21.66 7.69 -13.40
C ILE A 437 -22.67 8.72 -12.91
N SER A 438 -23.44 9.22 -13.84
CA SER A 438 -24.50 10.19 -13.56
C SER A 438 -25.90 9.56 -13.64
N TYR A 439 -26.69 9.84 -12.62
CA TYR A 439 -28.03 9.29 -12.48
C TYR A 439 -29.06 10.41 -12.37
N PHE A 440 -30.15 10.27 -13.14
CA PHE A 440 -31.22 11.24 -13.09
C PHE A 440 -32.54 10.60 -12.62
N PHE A 441 -33.04 11.12 -11.50
CA PHE A 441 -34.25 10.60 -10.80
C PHE A 441 -35.44 10.44 -11.72
#